data_3AHR
#
_entry.id   3AHR
#
_cell.length_a   54.698
_cell.length_b   139.094
_cell.length_c   143.491
_cell.angle_alpha   90.00
_cell.angle_beta   90.00
_cell.angle_gamma   90.00
#
_symmetry.space_group_name_H-M   'I 2 2 2'
#
loop_
_entity.id
_entity.type
_entity.pdbx_description
1 polymer 'ERO1-like protein alpha'
2 non-polymer 'FLAVIN-ADENINE DINUCLEOTIDE'
#
_entity_poly.entity_id   1
_entity_poly.type   'polypeptide(L)'
_entity_poly.pdbx_seq_one_letter_code
;MGSSHHHHHHSSGHIEGRHGEEQPPETAAQRCFCQVSGYLDDCTCDVETIDRFNNYRLFPRLQKLLESDYFRYYKVNLKR
PCPFWNDISQCGRRDAAVKPAQSDEVPDGIKSASYKYSEEANNLIEECEQAERLGAVDESLSEETQKAVLQWTKHDDSSD
NFAEADDIQSPEAEYVDLLLNPERYTGYKGPDAWKIWNVIYEENCFKPQTIKRPLNPLASGQGTSEENTFYSWLEGLCVE
KRAFYRLISGLHASINVHLSARYLLQETWLEKKWGHNITEFQQRFDGILTEGEGPRRLKNLYFLYLIELRALSKVLPFFE
RPDFQLFTGNKIQDEENKMLLLEILHEIKSFPLHFDENSFFAGDKKEAHKLKEDFRLHFRNISRIMDCVGCFKCRLWGKL
QTQGLGTALKILFSEKLIANMPESGPSYEFHLTRQEIVSLFNAFGRISTSVKELENFRNLLQNIH
;
_entity_poly.pdbx_strand_id   A
#
loop_
_chem_comp.id
_chem_comp.type
_chem_comp.name
_chem_comp.formula
FAD non-polymer 'FLAVIN-ADENINE DINUCLEOTIDE' 'C27 H33 N9 O15 P2'
#
# COMPACT_ATOMS: atom_id res chain seq x y z
N ARG A 31 -22.68 -11.06 4.45
CA ARG A 31 -22.37 -9.60 4.31
C ARG A 31 -21.40 -9.09 5.37
N CYS A 32 -20.34 -8.41 4.92
CA CYS A 32 -19.44 -7.69 5.82
C CYS A 32 -19.91 -6.28 6.16
N PHE A 33 -19.28 -5.74 7.19
CA PHE A 33 -19.82 -4.61 7.91
C PHE A 33 -18.66 -3.99 8.66
N CYS A 34 -18.35 -2.74 8.36
CA CYS A 34 -17.27 -2.05 9.07
C CYS A 34 -17.80 -0.80 9.73
N GLN A 35 -17.37 -0.58 10.97
CA GLN A 35 -17.76 0.57 11.77
C GLN A 35 -16.48 1.35 12.00
N VAL A 36 -16.46 2.61 11.60
CA VAL A 36 -15.25 3.44 11.75
C VAL A 36 -15.62 4.76 12.35
N SER A 37 -16.25 4.70 13.51
CA SER A 37 -16.70 5.91 14.16
C SER A 37 -15.51 6.65 14.72
N GLY A 38 -14.44 5.92 15.01
CA GLY A 38 -13.25 6.52 15.58
C GLY A 38 -13.12 6.08 17.02
N TYR A 39 -14.27 5.91 17.66
CA TYR A 39 -14.30 5.45 19.04
C TYR A 39 -13.71 4.02 19.15
N LEU A 40 -14.45 3.03 18.65
CA LEU A 40 -14.00 1.66 18.59
C LEU A 40 -14.26 1.21 17.17
N ASP A 41 -13.19 0.98 16.43
CA ASP A 41 -13.29 0.77 15.00
C ASP A 41 -12.93 -0.66 14.71
N ASP A 42 -13.69 -1.29 13.83
CA ASP A 42 -13.60 -2.73 13.63
C ASP A 42 -14.46 -3.18 12.46
N CYS A 43 -14.29 -4.44 12.05
CA CYS A 43 -15.11 -5.03 11.01
C CYS A 43 -15.56 -6.40 11.41
N THR A 44 -16.86 -6.57 11.56
CA THR A 44 -17.39 -7.90 11.71
C THR A 44 -17.58 -8.46 10.32
N CYS A 45 -16.87 -9.53 9.98
CA CYS A 45 -16.90 -10.05 8.63
C CYS A 45 -16.20 -11.40 8.47
N ASP A 46 -16.87 -12.33 7.78
CA ASP A 46 -16.35 -13.67 7.65
C ASP A 46 -15.07 -13.71 6.82
N VAL A 47 -14.08 -14.46 7.29
CA VAL A 47 -12.80 -14.53 6.65
C VAL A 47 -12.82 -15.37 5.40
N GLU A 48 -13.46 -16.53 5.45
CA GLU A 48 -13.60 -17.36 4.26
C GLU A 48 -14.14 -16.52 3.12
N THR A 49 -14.96 -15.52 3.44
CA THR A 49 -15.57 -14.64 2.45
C THR A 49 -14.56 -13.83 1.66
N ILE A 50 -13.55 -13.35 2.36
CA ILE A 50 -12.52 -12.48 1.83
C ILE A 50 -11.46 -13.36 1.23
N ASP A 51 -11.04 -14.33 2.01
CA ASP A 51 -10.18 -15.37 1.53
C ASP A 51 -10.67 -15.82 0.18
N ARG A 52 -11.94 -16.23 0.11
CA ARG A 52 -12.42 -16.79 -1.11
C ARG A 52 -12.45 -15.72 -2.15
N PHE A 53 -13.06 -14.58 -1.83
CA PHE A 53 -13.15 -13.52 -2.80
C PHE A 53 -11.79 -13.14 -3.35
N ASN A 54 -10.89 -12.71 -2.46
CA ASN A 54 -9.60 -12.14 -2.82
C ASN A 54 -8.66 -13.12 -3.47
N ASN A 55 -8.57 -14.30 -2.87
CA ASN A 55 -7.62 -15.29 -3.32
C ASN A 55 -7.92 -15.91 -4.67
N TYR A 56 -9.17 -15.84 -5.11
CA TYR A 56 -9.55 -16.55 -6.31
C TYR A 56 -10.27 -15.68 -7.32
N ARG A 57 -11.13 -14.78 -6.85
CA ARG A 57 -11.82 -13.85 -7.74
C ARG A 57 -10.86 -12.77 -8.29
N LEU A 58 -10.06 -12.19 -7.39
CA LEU A 58 -9.32 -10.96 -7.65
C LEU A 58 -7.85 -11.15 -8.07
N PHE A 59 -7.18 -12.05 -7.35
CA PHE A 59 -5.73 -12.18 -7.35
C PHE A 59 -5.08 -12.25 -8.74
N PRO A 60 -5.39 -13.26 -9.57
CA PRO A 60 -4.56 -13.43 -10.75
C PRO A 60 -4.65 -12.23 -11.68
N ARG A 61 -5.77 -11.51 -11.58
CA ARG A 61 -6.07 -10.42 -12.47
C ARG A 61 -5.40 -9.14 -11.99
N LEU A 62 -5.44 -8.90 -10.69
CA LEU A 62 -4.72 -7.80 -10.11
C LEU A 62 -3.24 -7.99 -10.37
N GLN A 63 -2.75 -9.15 -9.99
CA GLN A 63 -1.36 -9.50 -10.23
C GLN A 63 -0.98 -9.28 -11.71
N LYS A 64 -1.87 -9.69 -12.61
CA LYS A 64 -1.76 -9.42 -14.02
C LYS A 64 -1.56 -7.91 -14.19
N LEU A 65 -2.53 -7.13 -13.73
CA LEU A 65 -2.46 -5.67 -13.85
C LEU A 65 -1.20 -5.02 -13.26
N LEU A 66 -0.67 -5.61 -12.20
CA LEU A 66 0.47 -4.98 -11.52
C LEU A 66 1.80 -5.17 -12.26
N GLU A 67 1.77 -6.02 -13.29
CA GLU A 67 2.90 -6.23 -14.17
C GLU A 67 2.68 -5.48 -15.44
N SER A 68 1.46 -4.99 -15.62
CA SER A 68 1.21 -4.04 -16.68
C SER A 68 2.35 -3.01 -16.71
N ASP A 69 2.71 -2.57 -17.91
CA ASP A 69 3.71 -1.50 -18.01
C ASP A 69 3.45 -0.31 -17.11
N TYR A 70 2.21 0.14 -17.09
CA TYR A 70 1.83 1.33 -16.35
C TYR A 70 2.11 1.22 -14.85
N PHE A 71 2.29 -0.02 -14.38
CA PHE A 71 2.23 -0.29 -12.95
C PHE A 71 3.48 -0.87 -12.39
N ARG A 72 4.35 -1.38 -13.25
CA ARG A 72 5.58 -1.89 -12.73
C ARG A 72 6.57 -0.79 -12.42
N TYR A 73 6.36 0.40 -12.99
CA TYR A 73 7.30 1.50 -12.78
C TYR A 73 6.84 2.62 -11.84
N TYR A 74 7.51 2.71 -10.70
CA TYR A 74 7.13 3.69 -9.68
C TYR A 74 8.20 4.78 -9.49
N LYS A 75 7.76 6.05 -9.41
CA LYS A 75 8.70 7.17 -9.25
C LYS A 75 9.10 7.40 -7.79
N VAL A 76 10.40 7.53 -7.52
CA VAL A 76 10.82 7.67 -6.13
C VAL A 76 12.25 8.14 -5.91
N ASN A 77 12.34 9.09 -5.00
CA ASN A 77 13.56 9.67 -4.55
C ASN A 77 14.01 8.86 -3.33
N LEU A 78 14.98 7.99 -3.56
CA LEU A 78 15.44 7.08 -2.51
C LEU A 78 16.62 7.66 -1.76
N LYS A 79 16.95 8.92 -2.08
CA LYS A 79 18.24 9.47 -1.67
C LYS A 79 18.20 10.66 -0.69
N ARG A 80 16.97 11.09 -0.35
CA ARG A 80 16.73 12.07 0.72
C ARG A 80 17.39 11.59 1.99
N PRO A 81 18.04 12.51 2.74
CA PRO A 81 18.73 12.13 3.98
C PRO A 81 17.77 12.19 5.15
N CYS A 82 18.08 11.42 6.19
CA CYS A 82 17.21 11.34 7.35
C CYS A 82 17.15 12.70 8.02
N PRO A 83 15.94 13.25 8.26
CA PRO A 83 15.95 14.57 8.84
C PRO A 83 15.61 14.55 10.32
N PHE A 84 16.02 13.53 11.04
CA PHE A 84 15.73 13.55 12.45
C PHE A 84 16.91 13.05 13.21
N TRP A 85 17.89 12.49 12.49
CA TRP A 85 19.11 11.99 13.14
C TRP A 85 20.11 11.51 12.10
N ASN A 86 21.30 11.13 12.55
CA ASN A 86 22.28 10.53 11.66
C ASN A 86 22.58 9.09 12.05
N ASP A 87 23.27 8.38 11.15
CA ASP A 87 23.45 6.92 11.21
C ASP A 87 24.55 6.39 10.27
N ILE A 88 24.24 5.32 9.53
CA ILE A 88 25.17 4.55 8.64
C ILE A 88 26.34 3.93 9.44
N SER A 89 26.46 4.43 10.66
CA SER A 89 27.29 3.87 11.73
C SER A 89 26.88 2.41 11.92
N GLN A 90 27.83 1.51 11.69
CA GLN A 90 27.57 0.08 11.76
C GLN A 90 26.79 -0.29 10.49
N CYS A 91 27.53 -0.77 9.49
CA CYS A 91 27.00 -1.17 8.17
C CYS A 91 26.94 0.02 7.21
N CYS A 128 25.49 -8.43 8.38
CA CYS A 128 25.33 -6.98 8.23
C CYS A 128 25.79 -6.50 6.84
N GLU A 129 26.91 -7.06 6.42
CA GLU A 129 27.51 -6.79 5.11
C GLU A 129 26.58 -7.28 3.98
N GLN A 130 25.98 -8.46 4.18
CA GLN A 130 24.99 -9.00 3.26
C GLN A 130 23.65 -8.24 3.30
N ALA A 131 23.35 -7.59 4.42
CA ALA A 131 22.06 -6.91 4.59
C ALA A 131 21.96 -5.65 3.72
N GLU A 132 23.11 -5.01 3.52
CA GLU A 132 23.21 -3.90 2.60
C GLU A 132 23.18 -4.47 1.19
N ARG A 133 23.70 -5.67 1.06
CA ARG A 133 23.63 -6.40 -0.18
C ARG A 133 22.19 -6.81 -0.52
N LEU A 134 21.39 -7.13 0.48
CA LEU A 134 19.95 -7.46 0.28
C LEU A 134 19.07 -6.23 0.16
N GLY A 135 19.43 -5.15 0.83
CA GLY A 135 18.55 -4.00 0.89
C GLY A 135 18.77 -3.01 -0.21
N ALA A 136 19.57 -3.40 -1.20
CA ALA A 136 19.99 -2.48 -2.22
C ALA A 136 19.04 -2.53 -3.41
N VAL A 137 18.42 -1.40 -3.74
CA VAL A 137 17.53 -1.32 -4.91
C VAL A 137 18.28 -1.52 -6.24
N ASP A 138 17.75 -2.43 -7.08
CA ASP A 138 18.23 -2.68 -8.44
C ASP A 138 17.65 -1.56 -9.27
N GLU A 139 18.50 -0.65 -9.71
CA GLU A 139 17.96 0.59 -10.21
C GLU A 139 17.75 0.54 -11.68
N SER A 140 18.31 -0.52 -12.26
CA SER A 140 18.23 -0.89 -13.67
C SER A 140 16.97 -0.43 -14.36
N LEU A 141 17.13 -0.13 -15.64
CA LEU A 141 16.04 0.35 -16.49
C LEU A 141 16.49 0.22 -17.96
N SER A 142 15.67 -0.44 -18.78
CA SER A 142 16.00 -0.67 -20.18
C SER A 142 16.07 0.65 -20.93
N GLU A 143 16.84 0.64 -22.01
CA GLU A 143 17.00 1.82 -22.85
C GLU A 143 15.62 2.39 -23.29
N GLU A 144 14.74 1.49 -23.72
CA GLU A 144 13.45 1.86 -24.31
C GLU A 144 12.57 2.52 -23.25
N THR A 145 12.45 1.82 -22.12
CA THR A 145 11.74 2.33 -20.98
C THR A 145 12.21 3.77 -20.72
N GLN A 146 13.54 3.97 -20.74
CA GLN A 146 14.14 5.28 -20.50
C GLN A 146 13.49 6.37 -21.35
N LYS A 147 13.36 6.11 -22.64
CA LYS A 147 12.51 6.94 -23.50
C LYS A 147 11.08 6.99 -22.97
N ALA A 148 10.46 5.83 -22.85
CA ALA A 148 9.07 5.74 -22.45
C ALA A 148 8.64 6.63 -21.24
N VAL A 149 9.53 6.93 -20.32
CA VAL A 149 9.07 7.73 -19.17
C VAL A 149 8.84 9.19 -19.51
N LEU A 150 9.65 9.72 -20.42
CA LEU A 150 9.51 11.10 -20.83
C LEU A 150 8.14 11.35 -21.42
N GLN A 151 7.73 10.47 -22.34
CA GLN A 151 6.39 10.52 -22.94
C GLN A 151 5.35 10.65 -21.84
N TRP A 152 5.65 10.06 -20.70
CA TRP A 152 4.74 10.14 -19.57
C TRP A 152 4.81 11.53 -18.99
N THR A 153 5.98 11.88 -18.48
CA THR A 153 6.20 13.20 -17.91
C THR A 153 5.54 14.26 -18.78
N LYS A 154 5.92 14.23 -20.06
CA LYS A 154 5.35 15.07 -21.08
C LYS A 154 3.82 14.99 -21.05
N HIS A 155 3.28 13.89 -21.55
CA HIS A 155 1.82 13.72 -21.60
C HIS A 155 1.13 14.12 -20.30
N ASP A 156 1.79 13.83 -19.19
CA ASP A 156 1.21 14.03 -17.86
C ASP A 156 1.18 15.50 -17.48
N ASP A 157 2.21 16.21 -17.90
CA ASP A 157 2.31 17.67 -17.76
C ASP A 157 1.15 18.50 -18.25
N SER A 158 0.62 18.17 -19.43
CA SER A 158 -0.41 18.97 -20.05
C SER A 158 -1.78 18.89 -19.37
N SER A 159 -1.84 18.40 -18.13
CA SER A 159 -3.10 18.26 -17.38
C SER A 159 -3.00 18.66 -15.90
N ASP A 160 -4.06 18.43 -15.11
CA ASP A 160 -4.06 18.74 -13.66
C ASP A 160 -2.69 18.50 -13.00
N ASN A 161 -2.00 19.58 -12.59
CA ASN A 161 -0.58 19.50 -12.17
C ASN A 161 -0.09 20.56 -11.18
N PHE A 162 -0.62 20.54 -9.95
CA PHE A 162 -0.34 21.59 -8.96
C PHE A 162 1.11 21.52 -8.45
N SER A 170 16.55 19.64 -9.58
CA SER A 170 16.04 18.49 -10.33
C SER A 170 15.57 17.36 -9.40
N PRO A 171 14.23 17.13 -9.32
CA PRO A 171 13.76 16.01 -8.51
C PRO A 171 14.62 14.76 -8.76
N GLU A 172 15.53 14.48 -7.82
CA GLU A 172 16.35 13.25 -7.84
C GLU A 172 15.46 12.02 -7.62
N ALA A 173 14.20 12.17 -7.99
CA ALA A 173 13.25 11.09 -8.05
C ALA A 173 13.35 10.46 -9.42
N GLU A 174 13.87 9.25 -9.48
CA GLU A 174 13.78 8.46 -10.69
C GLU A 174 12.84 7.25 -10.57
N TYR A 175 12.31 6.86 -11.72
CA TYR A 175 11.45 5.74 -11.79
C TYR A 175 12.19 4.47 -11.47
N VAL A 176 11.55 3.62 -10.67
CA VAL A 176 12.04 2.26 -10.37
C VAL A 176 11.10 1.15 -10.87
N ASP A 177 11.69 0.00 -11.18
CA ASP A 177 10.95 -1.15 -11.67
C ASP A 177 10.66 -2.11 -10.55
N LEU A 178 9.37 -2.21 -10.21
CA LEU A 178 8.94 -3.02 -9.09
C LEU A 178 9.12 -4.53 -9.31
N LEU A 179 8.95 -5.00 -10.54
CA LEU A 179 9.18 -6.42 -10.80
C LEU A 179 10.63 -6.78 -10.61
N LEU A 180 11.47 -5.77 -10.63
CA LEU A 180 12.90 -6.00 -10.41
C LEU A 180 13.18 -5.91 -8.96
N ASN A 181 12.15 -5.57 -8.20
CA ASN A 181 12.32 -5.28 -6.81
C ASN A 181 11.20 -5.76 -5.93
N PRO A 182 10.97 -7.10 -5.90
CA PRO A 182 9.88 -7.64 -5.10
C PRO A 182 10.11 -7.36 -3.62
N GLU A 183 9.02 -7.30 -2.86
CA GLU A 183 9.14 -7.09 -1.43
C GLU A 183 9.26 -8.47 -0.81
N ARG A 184 10.39 -8.72 -0.19
CA ARG A 184 10.63 -9.96 0.54
C ARG A 184 11.58 -9.73 1.73
N TYR A 185 12.05 -10.82 2.30
CA TYR A 185 13.01 -10.73 3.35
C TYR A 185 14.19 -9.91 2.88
N THR A 186 14.61 -8.94 3.70
CA THR A 186 15.82 -8.11 3.40
C THR A 186 16.92 -8.16 4.46
N GLY A 187 16.74 -8.98 5.50
CA GLY A 187 17.63 -8.93 6.66
C GLY A 187 17.56 -7.64 7.50
N TYR A 188 16.72 -6.68 7.14
CA TYR A 188 16.58 -5.49 7.93
C TYR A 188 16.03 -5.90 9.30
N LYS A 189 16.72 -5.52 10.39
CA LYS A 189 16.33 -5.94 11.74
C LYS A 189 16.92 -5.21 12.95
N GLY A 190 16.45 -5.57 14.15
CA GLY A 190 17.11 -5.14 15.38
C GLY A 190 16.81 -3.69 15.57
N PRO A 191 17.57 -3.00 16.41
CA PRO A 191 17.24 -1.66 16.86
C PRO A 191 16.88 -0.64 15.77
N ASP A 192 17.56 -0.70 14.63
CA ASP A 192 17.35 0.31 13.59
C ASP A 192 15.94 0.24 13.02
N ALA A 193 15.39 -0.96 12.97
CA ALA A 193 14.06 -1.15 12.44
C ALA A 193 13.08 -0.81 13.52
N TRP A 194 13.28 -1.42 14.69
CA TRP A 194 12.42 -1.15 15.84
C TRP A 194 12.22 0.36 16.10
N LYS A 195 13.25 1.15 15.88
CA LYS A 195 13.12 2.55 16.14
C LYS A 195 12.11 3.16 15.17
N ILE A 196 12.23 2.77 13.90
CA ILE A 196 11.39 3.37 12.88
C ILE A 196 9.94 3.07 13.15
N TRP A 197 9.70 1.80 13.48
CA TRP A 197 8.36 1.39 13.80
C TRP A 197 7.83 2.24 14.94
N ASN A 198 8.61 2.40 16.03
CA ASN A 198 8.16 3.19 17.19
C ASN A 198 7.77 4.57 16.79
N VAL A 199 8.57 5.14 15.90
CA VAL A 199 8.36 6.47 15.41
C VAL A 199 7.14 6.49 14.47
N ILE A 200 6.93 5.43 13.69
CA ILE A 200 5.72 5.46 12.89
C ILE A 200 4.50 5.40 13.79
N TYR A 201 4.43 4.42 14.68
CA TYR A 201 3.28 4.34 15.55
C TYR A 201 3.13 5.61 16.38
N GLU A 202 4.25 6.24 16.74
CA GLU A 202 4.17 7.48 17.51
C GLU A 202 3.34 8.55 16.80
N GLU A 203 3.21 8.45 15.48
CA GLU A 203 2.49 9.43 14.69
C GLU A 203 0.99 9.37 14.85
N ASN A 204 0.52 8.38 15.60
CA ASN A 204 -0.88 8.26 15.88
C ASN A 204 -1.16 9.37 16.86
N CYS A 205 -1.76 10.47 16.39
CA CYS A 205 -2.02 11.63 17.25
C CYS A 205 -2.96 12.68 16.66
N PHE A 206 -4.19 12.69 17.18
CA PHE A 206 -5.29 13.46 16.59
C PHE A 206 -5.94 14.43 17.56
N LYS A 207 -6.50 15.50 16.99
CA LYS A 207 -7.41 16.40 17.69
C LYS A 207 -8.80 15.72 17.61
N PRO A 208 -9.54 15.70 18.75
CA PRO A 208 -10.85 15.00 18.80
C PRO A 208 -12.06 15.89 18.46
N GLY A 236 -5.06 22.13 21.80
CA GLY A 236 -5.54 20.87 21.26
C GLY A 236 -4.48 19.77 21.30
N LEU A 237 -4.79 18.67 21.97
CA LEU A 237 -3.80 17.65 22.26
C LEU A 237 -4.08 16.36 21.53
N CYS A 238 -3.08 15.48 21.58
CA CYS A 238 -3.13 14.17 20.96
C CYS A 238 -4.23 13.29 21.53
N VAL A 239 -5.06 12.75 20.64
CA VAL A 239 -5.74 11.50 20.92
C VAL A 239 -5.22 10.44 19.95
N GLU A 240 -5.25 9.18 20.37
CA GLU A 240 -4.90 8.10 19.48
C GLU A 240 -6.16 7.68 18.80
N LYS A 241 -6.10 7.46 17.49
CA LYS A 241 -7.23 6.90 16.79
C LYS A 241 -6.91 5.44 16.66
N ARG A 242 -7.94 4.60 16.82
CA ARG A 242 -7.75 3.15 16.79
C ARG A 242 -7.59 2.79 15.34
N ALA A 243 -8.26 3.57 14.49
CA ALA A 243 -8.21 3.33 13.07
C ALA A 243 -6.76 3.34 12.60
N PHE A 244 -6.08 4.43 12.94
CA PHE A 244 -4.68 4.59 12.60
C PHE A 244 -3.88 3.35 13.08
N TYR A 245 -3.98 3.07 14.37
CA TYR A 245 -3.32 1.91 14.89
C TYR A 245 -3.54 0.74 13.95
N ARG A 246 -4.81 0.38 13.76
CA ARG A 246 -5.14 -0.83 13.03
C ARG A 246 -4.66 -0.76 11.60
N LEU A 247 -4.64 0.45 11.05
CA LEU A 247 -4.17 0.58 9.70
C LEU A 247 -2.69 0.23 9.72
N ILE A 248 -1.91 1.06 10.39
CA ILE A 248 -0.49 0.84 10.51
C ILE A 248 -0.09 -0.59 10.91
N SER A 249 -0.80 -1.15 11.89
CA SER A 249 -0.52 -2.49 12.34
C SER A 249 -0.73 -3.43 11.18
N GLY A 250 -1.87 -3.32 10.52
CA GLY A 250 -2.12 -4.14 9.34
C GLY A 250 -0.97 -4.08 8.35
N LEU A 251 -0.31 -2.95 8.28
CA LEU A 251 0.68 -2.76 7.22
C LEU A 251 1.97 -3.45 7.58
N HIS A 252 2.52 -3.04 8.72
CA HIS A 252 3.51 -3.78 9.46
C HIS A 252 3.31 -5.29 9.31
N ALA A 253 2.07 -5.77 9.45
CA ALA A 253 1.81 -7.20 9.38
C ALA A 253 2.03 -7.73 7.97
N SER A 254 1.45 -7.02 7.01
CA SER A 254 1.59 -7.43 5.62
C SER A 254 3.07 -7.62 5.30
N ILE A 255 3.90 -6.77 5.87
CA ILE A 255 5.31 -6.81 5.57
C ILE A 255 5.98 -8.02 6.19
N ASN A 256 5.80 -8.16 7.51
CA ASN A 256 6.35 -9.27 8.23
C ASN A 256 5.75 -10.53 7.61
N VAL A 257 4.54 -10.44 7.10
CA VAL A 257 4.06 -11.55 6.35
C VAL A 257 4.90 -11.82 5.07
N HIS A 258 5.14 -10.79 4.27
CA HIS A 258 5.87 -10.98 3.02
C HIS A 258 7.25 -11.52 3.29
N LEU A 259 7.90 -11.06 4.38
CA LEU A 259 9.28 -11.45 4.62
C LEU A 259 9.28 -12.87 5.09
N SER A 260 8.21 -13.21 5.79
CA SER A 260 7.94 -14.59 6.17
C SER A 260 7.75 -15.52 5.00
N ALA A 261 6.89 -15.14 4.08
CA ALA A 261 6.54 -16.06 3.02
C ALA A 261 7.61 -16.05 1.96
N ARG A 262 8.47 -15.04 2.03
CA ARG A 262 9.45 -14.86 0.99
C ARG A 262 10.78 -14.70 1.64
N TYR A 263 11.24 -15.78 2.25
CA TYR A 263 12.42 -15.73 3.08
C TYR A 263 13.59 -16.36 2.32
N LEU A 264 14.82 -15.90 2.57
CA LEU A 264 16.00 -16.45 1.92
C LEU A 264 16.41 -17.68 2.70
N LEU A 265 16.01 -18.84 2.23
CA LEU A 265 16.02 -20.02 3.08
C LEU A 265 17.38 -20.65 3.08
N GLN A 266 18.09 -20.46 1.99
CA GLN A 266 19.35 -21.17 1.75
C GLN A 266 20.25 -20.29 0.95
N GLU A 267 21.50 -20.20 1.38
CA GLU A 267 22.47 -19.45 0.63
C GLU A 267 23.78 -20.19 0.66
N THR A 268 23.85 -21.20 -0.19
CA THR A 268 25.10 -21.85 -0.53
C THR A 268 26.00 -20.74 -1.12
N TRP A 269 27.32 -20.92 -1.05
CA TRP A 269 28.24 -19.92 -1.62
C TRP A 269 27.99 -19.78 -3.12
N LEU A 270 27.13 -20.71 -3.61
CA LEU A 270 26.70 -20.86 -5.00
C LEU A 270 25.25 -20.39 -5.12
N GLU A 271 24.31 -21.19 -4.64
CA GLU A 271 22.87 -20.99 -4.88
C GLU A 271 22.09 -20.33 -3.73
N LYS A 272 20.99 -19.65 -4.09
CA LYS A 272 20.14 -18.95 -3.13
C LYS A 272 18.71 -19.43 -3.32
N LYS A 273 18.06 -19.91 -2.26
CA LYS A 273 16.68 -20.34 -2.37
C LYS A 273 15.83 -19.40 -1.55
N TRP A 274 14.84 -18.79 -2.20
CA TRP A 274 13.85 -18.00 -1.51
C TRP A 274 12.57 -18.79 -1.37
N GLY A 275 11.88 -18.63 -0.25
CA GLY A 275 10.63 -19.32 -0.06
C GLY A 275 9.97 -19.05 1.25
N HIS A 276 9.03 -19.94 1.57
CA HIS A 276 8.18 -19.85 2.73
C HIS A 276 8.97 -20.40 3.90
N ASN A 277 9.03 -19.62 4.95
CA ASN A 277 9.70 -20.05 6.16
C ASN A 277 8.65 -20.08 7.23
N ILE A 278 8.10 -21.26 7.41
CA ILE A 278 7.14 -21.51 8.47
C ILE A 278 7.57 -21.06 9.85
N THR A 279 8.81 -21.29 10.20
CA THR A 279 9.13 -21.11 11.59
C THR A 279 8.97 -19.64 11.88
N GLU A 280 9.42 -18.82 10.93
CA GLU A 280 9.27 -17.38 11.04
C GLU A 280 7.79 -17.01 11.10
N PHE A 281 7.03 -17.42 10.09
CA PHE A 281 5.66 -17.05 10.07
C PHE A 281 5.08 -17.28 11.44
N GLN A 282 5.25 -18.52 11.87
CA GLN A 282 4.77 -19.02 13.13
C GLN A 282 5.31 -18.29 14.34
N GLN A 283 6.58 -17.93 14.34
CA GLN A 283 7.11 -17.26 15.53
C GLN A 283 6.47 -15.91 15.65
N ARG A 284 6.02 -15.38 14.52
CA ARG A 284 5.61 -14.01 14.42
C ARG A 284 4.10 -13.92 14.45
N PHE A 285 3.45 -15.05 14.21
CA PHE A 285 2.01 -14.99 13.97
C PHE A 285 1.21 -16.00 14.71
N ASP A 286 1.81 -17.16 15.00
CA ASP A 286 1.11 -18.19 15.75
C ASP A 286 0.46 -17.65 17.02
N GLY A 287 -0.81 -17.97 17.20
CA GLY A 287 -1.58 -17.51 18.35
C GLY A 287 -0.93 -17.89 19.67
N ILE A 288 -0.67 -19.17 19.86
CA ILE A 288 -0.08 -19.61 21.09
C ILE A 288 1.28 -18.98 21.31
N LEU A 289 2.21 -19.23 20.39
CA LEU A 289 3.52 -18.65 20.54
C LEU A 289 3.45 -17.15 20.78
N THR A 290 2.42 -16.45 20.28
CA THR A 290 2.37 -15.02 20.54
C THR A 290 1.31 -14.59 21.54
N GLU A 291 0.74 -15.53 22.28
CA GLU A 291 -0.36 -15.20 23.18
C GLU A 291 -1.41 -14.35 22.50
N GLY A 292 -1.95 -14.88 21.39
CA GLY A 292 -3.08 -14.28 20.68
C GLY A 292 -2.83 -12.96 19.97
N GLU A 293 -1.63 -12.41 20.15
CA GLU A 293 -1.25 -11.14 19.52
C GLU A 293 -1.19 -11.24 17.98
N GLY A 294 -0.65 -12.35 17.48
CA GLY A 294 -0.50 -12.54 16.05
C GLY A 294 -1.83 -12.48 15.37
N PRO A 295 -2.78 -13.31 15.86
CA PRO A 295 -4.11 -13.30 15.30
C PRO A 295 -4.67 -11.89 15.27
N ARG A 296 -4.56 -11.17 16.37
CA ARG A 296 -4.96 -9.79 16.36
C ARG A 296 -4.26 -9.12 15.18
N ARG A 297 -2.93 -9.14 15.15
CA ARG A 297 -2.19 -8.50 14.07
C ARG A 297 -2.69 -8.89 12.68
N LEU A 298 -3.09 -10.13 12.52
CA LEU A 298 -3.69 -10.55 11.26
C LEU A 298 -5.07 -9.95 11.09
N LYS A 299 -5.84 -9.88 12.16
CA LYS A 299 -7.17 -9.30 12.05
C LYS A 299 -6.96 -7.89 11.57
N ASN A 300 -5.84 -7.29 11.98
CA ASN A 300 -5.53 -5.93 11.59
C ASN A 300 -5.15 -5.79 10.15
N LEU A 301 -4.42 -6.76 9.62
CA LEU A 301 -4.10 -6.72 8.22
C LEU A 301 -5.44 -6.61 7.45
N TYR A 302 -6.36 -7.52 7.73
CA TYR A 302 -7.68 -7.56 7.07
C TYR A 302 -8.42 -6.23 7.15
N PHE A 303 -8.38 -5.60 8.32
CA PHE A 303 -8.93 -4.28 8.49
C PHE A 303 -8.42 -3.46 7.33
N LEU A 304 -7.12 -3.22 7.35
CA LEU A 304 -6.45 -2.45 6.33
C LEU A 304 -6.97 -2.84 4.96
N TYR A 305 -6.81 -4.11 4.65
CA TYR A 305 -7.25 -4.64 3.38
C TYR A 305 -8.61 -4.12 3.03
N LEU A 306 -9.59 -4.28 3.92
CA LEU A 306 -10.96 -3.83 3.64
C LEU A 306 -11.04 -2.35 3.40
N ILE A 307 -10.31 -1.59 4.21
CA ILE A 307 -10.30 -0.17 4.03
C ILE A 307 -9.93 0.11 2.61
N GLU A 308 -8.76 -0.37 2.21
CA GLU A 308 -8.29 -0.06 0.86
C GLU A 308 -9.31 -0.57 -0.17
N LEU A 309 -10.00 -1.64 0.17
CA LEU A 309 -10.87 -2.24 -0.79
C LEU A 309 -12.09 -1.37 -0.96
N ARG A 310 -12.53 -0.77 0.15
CA ARG A 310 -13.63 0.19 0.10
C ARG A 310 -13.16 1.40 -0.68
N ALA A 311 -11.97 1.89 -0.34
CA ALA A 311 -11.39 3.03 -1.02
C ALA A 311 -11.37 2.77 -2.50
N LEU A 312 -11.19 1.53 -2.91
CA LEU A 312 -11.21 1.30 -4.33
C LEU A 312 -12.63 1.43 -4.84
N SER A 313 -13.57 0.82 -4.14
CA SER A 313 -14.91 0.75 -4.66
C SER A 313 -15.44 2.14 -4.78
N LYS A 314 -15.07 3.01 -3.85
CA LYS A 314 -15.55 4.38 -3.88
C LYS A 314 -14.81 5.29 -4.90
N VAL A 315 -13.88 4.73 -5.65
CA VAL A 315 -13.09 5.55 -6.54
C VAL A 315 -13.34 5.19 -8.00
N LEU A 316 -14.25 4.23 -8.20
CA LEU A 316 -14.53 3.69 -9.54
C LEU A 316 -14.85 4.74 -10.60
N PRO A 317 -15.70 5.73 -10.23
CA PRO A 317 -16.09 6.84 -11.07
C PRO A 317 -14.94 7.52 -11.77
N PHE A 318 -13.91 7.90 -11.01
CA PHE A 318 -12.79 8.66 -11.56
C PHE A 318 -12.19 7.97 -12.79
N PHE A 319 -12.29 6.65 -12.82
CA PHE A 319 -11.76 5.91 -13.95
C PHE A 319 -12.79 5.75 -15.04
N GLU A 320 -14.07 5.81 -14.67
CA GLU A 320 -15.19 5.62 -15.62
C GLU A 320 -15.22 6.68 -16.72
N ARG A 321 -14.79 7.90 -16.41
CA ARG A 321 -14.85 8.97 -17.39
C ARG A 321 -13.81 8.79 -18.52
N PRO A 322 -14.30 8.57 -19.78
CA PRO A 322 -13.49 8.16 -20.94
C PRO A 322 -12.51 9.23 -21.44
N ASP A 323 -12.36 10.31 -20.70
CA ASP A 323 -11.24 11.24 -20.91
C ASP A 323 -10.08 10.86 -20.02
N PHE A 324 -10.32 9.94 -19.07
CA PHE A 324 -9.24 9.42 -18.26
C PHE A 324 -8.47 8.38 -19.03
N GLN A 325 -7.17 8.33 -18.80
CA GLN A 325 -6.37 7.41 -19.56
C GLN A 325 -5.14 6.92 -18.83
N LEU A 326 -4.93 5.62 -18.85
CA LEU A 326 -3.67 5.03 -18.40
C LEU A 326 -2.61 5.25 -19.46
N PHE A 327 -2.09 6.46 -19.57
CA PHE A 327 -1.16 6.69 -20.67
C PHE A 327 0.21 6.03 -20.56
N THR A 328 0.48 5.11 -21.49
CA THR A 328 1.86 4.75 -21.80
C THR A 328 2.06 4.88 -23.30
N GLY A 329 3.26 4.48 -23.75
CA GLY A 329 3.59 4.40 -25.18
C GLY A 329 2.44 3.96 -26.07
N ASN A 330 2.14 2.66 -26.07
CA ASN A 330 1.11 2.12 -26.96
C ASN A 330 -0.30 2.57 -26.58
N LYS A 331 -1.29 2.18 -27.39
CA LYS A 331 -2.68 2.47 -27.05
C LYS A 331 -3.54 1.24 -26.80
N ILE A 332 -3.04 0.08 -27.21
CA ILE A 332 -3.85 -1.12 -27.26
C ILE A 332 -4.16 -1.63 -25.86
N GLN A 333 -3.12 -2.04 -25.15
CA GLN A 333 -3.18 -2.36 -23.72
C GLN A 333 -3.57 -1.12 -22.89
N ASP A 334 -3.08 0.06 -23.26
CA ASP A 334 -3.54 1.26 -22.59
C ASP A 334 -5.04 1.26 -22.42
N GLU A 335 -5.71 0.54 -23.32
CA GLU A 335 -7.14 0.36 -23.25
C GLU A 335 -7.46 -1.00 -22.72
N GLU A 336 -6.64 -1.98 -23.11
CA GLU A 336 -6.76 -3.32 -22.58
C GLU A 336 -6.60 -3.24 -21.08
N ASN A 337 -5.52 -2.56 -20.66
CA ASN A 337 -5.26 -2.26 -19.24
C ASN A 337 -6.33 -1.41 -18.66
N LYS A 338 -6.85 -0.46 -19.43
CA LYS A 338 -7.95 0.32 -18.91
C LYS A 338 -9.12 -0.59 -18.57
N MET A 339 -9.58 -1.45 -19.48
CA MET A 339 -10.74 -2.26 -19.10
C MET A 339 -10.36 -3.20 -17.94
N LEU A 340 -9.10 -3.65 -17.95
CA LEU A 340 -8.60 -4.54 -16.91
C LEU A 340 -8.84 -3.94 -15.55
N LEU A 341 -8.14 -2.85 -15.29
CA LEU A 341 -8.33 -2.08 -14.08
C LEU A 341 -9.82 -2.00 -13.72
N LEU A 342 -10.63 -1.74 -14.73
CA LEU A 342 -12.02 -1.42 -14.50
C LEU A 342 -12.79 -2.63 -14.06
N GLU A 343 -12.49 -3.78 -14.64
CA GLU A 343 -13.32 -4.92 -14.32
C GLU A 343 -12.92 -5.38 -12.94
N ILE A 344 -11.70 -5.01 -12.56
CA ILE A 344 -11.22 -5.19 -11.19
C ILE A 344 -11.98 -4.26 -10.21
N LEU A 345 -11.92 -2.95 -10.47
CA LEU A 345 -12.72 -2.03 -9.70
C LEU A 345 -14.18 -2.45 -9.68
N HIS A 346 -14.64 -3.04 -10.77
CA HIS A 346 -15.99 -3.53 -10.77
C HIS A 346 -16.19 -4.67 -9.78
N GLU A 347 -15.31 -5.68 -9.86
CA GLU A 347 -15.25 -6.77 -8.90
C GLU A 347 -15.22 -6.29 -7.44
N ILE A 348 -14.38 -5.29 -7.17
CA ILE A 348 -14.29 -4.76 -5.83
C ILE A 348 -15.66 -4.29 -5.39
N LYS A 349 -16.35 -3.58 -6.30
CA LYS A 349 -17.68 -3.04 -6.00
C LYS A 349 -18.63 -4.18 -5.70
N SER A 350 -18.51 -5.28 -6.43
CA SER A 350 -19.35 -6.43 -6.19
C SER A 350 -19.28 -6.90 -4.72
N PHE A 351 -18.15 -6.72 -4.07
CA PHE A 351 -17.97 -7.30 -2.73
C PHE A 351 -18.88 -6.68 -1.67
N PRO A 352 -19.72 -7.49 -1.03
CA PRO A 352 -20.72 -7.11 -0.03
C PRO A 352 -20.20 -6.44 1.24
N LEU A 353 -19.66 -5.23 1.13
CA LEU A 353 -19.05 -4.57 2.27
C LEU A 353 -19.77 -3.28 2.60
N HIS A 354 -20.03 -3.06 3.87
CA HIS A 354 -20.88 -1.97 4.28
C HIS A 354 -20.23 -1.22 5.41
N PHE A 355 -20.53 0.07 5.53
CA PHE A 355 -19.95 0.87 6.58
C PHE A 355 -21.00 1.56 7.40
N ASP A 356 -20.76 1.75 8.68
CA ASP A 356 -21.69 2.51 9.53
C ASP A 356 -21.68 3.98 9.22
N GLU A 357 -22.90 4.47 9.01
CA GLU A 357 -23.20 5.85 8.65
C GLU A 357 -22.50 6.75 9.64
N ASN A 358 -22.07 6.12 10.72
CA ASN A 358 -21.30 6.72 11.77
C ASN A 358 -19.86 7.09 11.37
N SER A 359 -19.29 6.39 10.40
CA SER A 359 -17.87 6.60 10.00
C SER A 359 -17.43 8.06 9.98
N PHE A 360 -16.32 8.35 10.64
CA PHE A 360 -15.79 9.72 10.63
C PHE A 360 -15.28 10.15 9.27
N PHE A 361 -15.72 9.48 8.22
CA PHE A 361 -15.51 10.04 6.90
C PHE A 361 -16.75 10.80 6.42
N ALA A 362 -17.75 10.89 7.29
CA ALA A 362 -18.95 11.67 7.00
C ALA A 362 -18.60 13.14 7.18
N GLY A 363 -19.12 13.98 6.27
CA GLY A 363 -18.73 15.39 6.11
C GLY A 363 -19.35 16.36 7.10
N ASP A 364 -19.18 16.06 8.40
CA ASP A 364 -19.68 16.90 9.49
C ASP A 364 -18.85 18.16 9.60
N LYS A 365 -18.54 18.75 8.45
CA LYS A 365 -17.72 19.96 8.33
C LYS A 365 -16.39 19.76 9.03
N LYS A 366 -16.00 20.77 9.82
CA LYS A 366 -14.69 20.84 10.49
C LYS A 366 -14.15 19.51 11.01
N GLU A 367 -15.03 18.71 11.61
CA GLU A 367 -14.65 17.40 12.10
C GLU A 367 -14.03 16.59 10.96
N ALA A 368 -14.82 16.30 9.93
CA ALA A 368 -14.31 15.58 8.78
C ALA A 368 -13.05 16.26 8.24
N HIS A 369 -13.07 17.58 8.15
CA HIS A 369 -11.93 18.29 7.57
C HIS A 369 -10.72 18.16 8.45
N LYS A 370 -10.79 18.69 9.67
CA LYS A 370 -9.65 18.65 10.58
C LYS A 370 -8.97 17.28 10.53
N LEU A 371 -9.79 16.26 10.73
CA LEU A 371 -9.40 14.86 10.65
C LEU A 371 -8.68 14.51 9.34
N LYS A 372 -9.34 14.78 8.22
CA LYS A 372 -8.73 14.52 6.93
C LYS A 372 -7.34 15.15 6.88
N GLU A 373 -7.23 16.34 7.44
CA GLU A 373 -6.02 17.11 7.32
C GLU A 373 -5.01 16.58 8.29
N ASP A 374 -5.50 16.24 9.48
CA ASP A 374 -4.67 15.54 10.48
C ASP A 374 -4.01 14.33 9.84
N PHE A 375 -4.80 13.60 9.03
CA PHE A 375 -4.31 12.44 8.29
C PHE A 375 -3.22 12.73 7.29
N ARG A 376 -3.54 13.53 6.28
CA ARG A 376 -2.57 13.76 5.22
C ARG A 376 -1.26 14.28 5.79
N LEU A 377 -1.41 15.02 6.89
CA LEU A 377 -0.28 15.54 7.68
C LEU A 377 0.61 14.42 8.22
N HIS A 378 -0.03 13.44 8.85
CA HIS A 378 0.64 12.34 9.48
C HIS A 378 1.37 11.48 8.47
N PHE A 379 0.74 11.21 7.35
CA PHE A 379 1.41 10.43 6.34
C PHE A 379 2.61 11.12 5.76
N ARG A 380 2.56 12.44 5.60
CA ARG A 380 3.76 13.13 5.14
C ARG A 380 4.94 12.91 6.11
N ASN A 381 4.70 13.08 7.41
CA ASN A 381 5.71 12.76 8.39
C ASN A 381 6.27 11.33 8.19
N ILE A 382 5.35 10.43 7.84
CA ILE A 382 5.68 9.05 7.71
C ILE A 382 6.61 8.89 6.55
N SER A 383 6.28 9.56 5.46
CA SER A 383 7.08 9.47 4.27
C SER A 383 8.47 9.98 4.57
N ARG A 384 8.50 11.11 5.27
CA ARG A 384 9.72 11.71 5.76
C ARG A 384 10.51 10.69 6.56
N ILE A 385 9.82 10.00 7.48
CA ILE A 385 10.43 8.93 8.27
C ILE A 385 11.16 7.90 7.43
N MET A 386 10.56 7.54 6.29
CA MET A 386 11.12 6.48 5.45
C MET A 386 12.45 6.92 4.98
N ASP A 387 12.61 8.22 4.86
CA ASP A 387 13.90 8.78 4.49
C ASP A 387 14.96 8.46 5.51
N CYS A 388 14.57 7.93 6.67
CA CYS A 388 15.50 7.49 7.69
C CYS A 388 15.71 5.97 7.73
N VAL A 389 15.37 5.30 6.64
CA VAL A 389 15.42 3.84 6.59
C VAL A 389 16.55 3.45 5.65
N GLY A 390 17.44 2.55 6.09
CA GLY A 390 18.64 2.18 5.32
C GLY A 390 18.50 0.91 4.50
N CYS A 391 17.42 0.20 4.71
CA CYS A 391 17.15 -0.92 3.87
C CYS A 391 16.43 -0.28 2.71
N PHE A 392 17.13 -0.12 1.60
CA PHE A 392 16.59 0.71 0.53
C PHE A 392 15.35 0.14 -0.11
N LYS A 393 15.30 -1.19 -0.23
CA LYS A 393 14.10 -1.85 -0.66
C LYS A 393 13.01 -1.64 0.38
N CYS A 394 13.35 -1.78 1.66
CA CYS A 394 12.38 -1.46 2.70
C CYS A 394 11.90 -0.04 2.55
N ARG A 395 12.84 0.88 2.41
CA ARG A 395 12.47 2.27 2.25
C ARG A 395 11.52 2.51 1.06
N LEU A 396 11.89 2.00 -0.12
CA LEU A 396 11.03 2.02 -1.29
C LEU A 396 9.57 1.61 -0.95
N TRP A 397 9.37 0.33 -0.58
CA TRP A 397 8.04 -0.22 -0.20
C TRP A 397 7.35 0.52 0.92
N GLY A 398 8.13 1.12 1.82
CA GLY A 398 7.58 1.98 2.85
C GLY A 398 6.90 3.17 2.21
N LYS A 399 7.69 3.96 1.48
CA LYS A 399 7.15 5.08 0.78
C LYS A 399 5.95 4.55 0.05
N LEU A 400 6.15 3.57 -0.81
CA LEU A 400 5.04 3.18 -1.63
C LEU A 400 3.81 2.90 -0.78
N GLN A 401 3.89 1.82 -0.04
CA GLN A 401 2.74 1.34 0.65
C GLN A 401 2.04 2.37 1.52
N THR A 402 2.76 3.38 1.98
CA THR A 402 2.10 4.42 2.76
C THR A 402 1.44 5.49 1.90
N GLN A 403 2.13 5.94 0.86
CA GLN A 403 1.50 6.86 -0.04
C GLN A 403 0.17 6.24 -0.37
N GLY A 404 0.20 4.99 -0.83
CA GLY A 404 -0.99 4.26 -1.23
C GLY A 404 -2.07 4.36 -0.19
N LEU A 405 -1.71 4.03 1.05
CA LEU A 405 -2.67 4.13 2.12
C LEU A 405 -3.24 5.57 2.28
N GLY A 406 -2.37 6.58 2.21
CA GLY A 406 -2.85 7.94 2.32
C GLY A 406 -3.89 8.18 1.25
N THR A 407 -3.54 7.76 0.05
CA THR A 407 -4.38 7.95 -1.11
C THR A 407 -5.72 7.27 -0.91
N ALA A 408 -5.65 6.09 -0.35
CA ALA A 408 -6.86 5.37 -0.09
C ALA A 408 -7.70 6.31 0.76
N LEU A 409 -7.22 6.69 1.93
CA LEU A 409 -7.97 7.58 2.80
C LEU A 409 -8.46 8.85 2.08
N LYS A 410 -7.58 9.46 1.30
CA LYS A 410 -7.94 10.64 0.55
C LYS A 410 -9.27 10.35 -0.12
N ILE A 411 -9.34 9.28 -0.90
CA ILE A 411 -10.60 8.86 -1.51
C ILE A 411 -11.70 8.73 -0.49
N LEU A 412 -11.42 7.96 0.55
CA LEU A 412 -12.45 7.68 1.53
C LEU A 412 -13.00 8.94 2.18
N PHE A 413 -12.24 10.03 2.07
CA PHE A 413 -12.71 11.30 2.56
C PHE A 413 -13.44 12.06 1.49
N SER A 414 -13.08 11.82 0.24
CA SER A 414 -13.71 12.55 -0.85
C SER A 414 -15.00 11.92 -1.34
N GLU A 415 -15.75 11.26 -0.45
CA GLU A 415 -17.06 10.72 -0.79
C GLU A 415 -17.86 11.65 -1.71
N LYS A 416 -18.13 12.84 -1.19
CA LYS A 416 -18.95 13.84 -1.86
C LYS A 416 -18.24 14.30 -3.11
N LEU A 417 -17.17 15.05 -2.91
CA LEU A 417 -16.31 15.50 -3.99
C LEU A 417 -16.30 14.61 -5.25
N ILE A 418 -16.47 13.30 -5.06
CA ILE A 418 -16.44 12.35 -6.16
C ILE A 418 -17.84 12.07 -6.70
N ALA A 419 -18.83 12.20 -5.82
CA ALA A 419 -20.26 11.97 -6.13
C ALA A 419 -20.82 12.96 -7.15
N ASN A 420 -20.12 14.08 -7.32
CA ASN A 420 -20.44 15.04 -8.36
C ASN A 420 -19.30 14.96 -9.36
N MET A 421 -19.20 13.81 -10.01
CA MET A 421 -18.09 13.60 -10.93
C MET A 421 -18.46 14.02 -12.33
N PRO A 422 -17.65 14.92 -12.94
CA PRO A 422 -17.80 15.24 -14.35
C PRO A 422 -17.70 13.96 -15.21
N GLU A 423 -18.86 13.37 -15.50
CA GLU A 423 -18.96 12.08 -16.20
C GLU A 423 -18.43 12.17 -17.64
N SER A 424 -18.51 13.38 -18.21
CA SER A 424 -17.88 13.71 -19.49
C SER A 424 -16.67 14.66 -19.31
N GLY A 425 -16.76 15.58 -18.34
CA GLY A 425 -15.72 16.59 -18.15
C GLY A 425 -14.46 16.08 -17.49
N PRO A 426 -13.35 16.83 -17.57
CA PRO A 426 -12.15 16.42 -16.84
C PRO A 426 -12.23 16.83 -15.38
N SER A 427 -11.74 15.96 -14.49
CA SER A 427 -11.93 16.14 -13.05
C SER A 427 -10.98 17.20 -12.48
N TYR A 428 -11.55 18.36 -12.16
CA TYR A 428 -10.82 19.46 -11.54
C TYR A 428 -11.05 19.32 -10.07
N GLU A 429 -12.29 19.01 -9.75
CA GLU A 429 -12.72 18.82 -8.37
C GLU A 429 -11.72 17.93 -7.62
N PHE A 430 -11.41 16.76 -8.18
CA PHE A 430 -10.58 15.75 -7.50
C PHE A 430 -9.52 15.24 -8.46
N HIS A 431 -8.36 14.86 -7.95
CA HIS A 431 -7.36 14.30 -8.86
C HIS A 431 -6.37 13.28 -8.28
N LEU A 432 -5.69 12.58 -9.17
CA LEU A 432 -4.67 11.61 -8.81
C LEU A 432 -3.52 11.58 -9.79
N THR A 433 -2.32 11.89 -9.31
CA THR A 433 -1.10 11.78 -10.08
C THR A 433 -0.82 10.33 -10.41
N ARG A 434 -0.02 10.10 -11.43
CA ARG A 434 0.48 8.76 -11.73
C ARG A 434 1.06 8.12 -10.44
N GLN A 435 1.96 8.86 -9.82
CA GLN A 435 2.63 8.45 -8.60
C GLN A 435 1.67 7.87 -7.57
N GLU A 436 0.60 8.62 -7.27
CA GLU A 436 -0.43 8.16 -6.35
C GLU A 436 -1.13 6.91 -6.87
N ILE A 437 -1.49 6.92 -8.17
CA ILE A 437 -2.29 5.83 -8.72
C ILE A 437 -1.57 4.52 -8.63
N VAL A 438 -0.32 4.53 -9.09
CA VAL A 438 0.57 3.38 -9.01
C VAL A 438 0.57 2.85 -7.59
N SER A 439 0.85 3.76 -6.65
CA SER A 439 0.89 3.45 -5.24
C SER A 439 -0.42 2.84 -4.74
N LEU A 440 -1.57 3.35 -5.22
CA LEU A 440 -2.86 2.86 -4.76
C LEU A 440 -3.07 1.36 -4.97
N PHE A 441 -3.05 0.96 -6.24
CA PHE A 441 -3.23 -0.44 -6.58
C PHE A 441 -2.06 -1.28 -6.04
N ASN A 442 -0.83 -0.92 -6.37
CA ASN A 442 0.30 -1.50 -5.66
C ASN A 442 0.16 -1.71 -4.12
N ALA A 443 -0.18 -0.67 -3.35
CA ALA A 443 -0.38 -0.85 -1.90
C ALA A 443 -1.45 -1.90 -1.71
N PHE A 444 -2.57 -1.70 -2.37
CA PHE A 444 -3.57 -2.69 -2.22
C PHE A 444 -3.01 -4.08 -2.58
N GLY A 445 -2.28 -4.15 -3.69
CA GLY A 445 -1.66 -5.40 -4.14
C GLY A 445 -0.77 -6.17 -3.16
N ARG A 446 -0.09 -5.48 -2.25
CA ARG A 446 0.77 -6.22 -1.35
C ARG A 446 -0.10 -6.76 -0.23
N ILE A 447 -1.11 -5.99 0.16
CA ILE A 447 -2.04 -6.46 1.18
C ILE A 447 -2.79 -7.62 0.58
N SER A 448 -3.20 -7.45 -0.67
CA SER A 448 -3.83 -8.55 -1.39
C SER A 448 -2.99 -9.82 -1.46
N THR A 449 -1.69 -9.62 -1.63
CA THR A 449 -0.76 -10.72 -1.65
C THR A 449 -0.65 -11.31 -0.28
N SER A 450 -0.51 -10.44 0.71
CA SER A 450 -0.42 -10.91 2.09
C SER A 450 -1.57 -11.86 2.38
N VAL A 451 -2.80 -11.38 2.20
CA VAL A 451 -3.96 -12.26 2.36
C VAL A 451 -3.76 -13.60 1.69
N LYS A 452 -3.34 -13.60 0.42
CA LYS A 452 -3.10 -14.85 -0.26
C LYS A 452 -2.13 -15.67 0.57
N GLU A 453 -1.00 -15.09 0.87
CA GLU A 453 0.00 -15.78 1.61
C GLU A 453 -0.54 -16.51 2.82
N LEU A 454 -1.32 -15.83 3.67
CA LEU A 454 -1.89 -16.51 4.81
C LEU A 454 -2.45 -17.88 4.44
N GLU A 455 -3.07 -17.98 3.26
CA GLU A 455 -3.69 -19.24 2.89
C GLU A 455 -2.64 -20.30 2.65
N ASN A 456 -1.60 -19.94 1.90
CA ASN A 456 -0.50 -20.88 1.68
C ASN A 456 -0.03 -21.41 3.01
N PHE A 457 0.08 -20.49 3.95
CA PHE A 457 0.53 -20.85 5.25
C PHE A 457 -0.42 -21.79 5.94
N ARG A 458 -1.70 -21.46 5.99
CA ARG A 458 -2.64 -22.42 6.53
C ARG A 458 -2.29 -23.81 5.96
N ASN A 459 -2.17 -23.85 4.62
CA ASN A 459 -2.10 -25.10 3.88
C ASN A 459 -0.87 -25.85 4.17
N LEU A 460 0.21 -25.13 4.37
CA LEU A 460 1.44 -25.81 4.74
C LEU A 460 1.31 -26.30 6.18
N LEU A 461 0.68 -25.50 7.04
CA LEU A 461 0.60 -25.83 8.47
C LEU A 461 -0.27 -27.02 8.80
N GLN A 462 -1.16 -27.41 7.90
CA GLN A 462 -1.85 -28.72 8.01
C GLN A 462 -0.89 -29.91 7.89
PA FAD B . 8.87 -6.15 14.66
O1A FAD B . 8.88 -4.97 13.75
O2A FAD B . 7.96 -7.26 14.22
O5B FAD B . 8.63 -5.79 16.21
C5B FAD B . 8.53 -4.48 16.76
C4B FAD B . 7.56 -4.38 17.96
O4B FAD B . 6.21 -4.21 17.57
C3B FAD B . 7.50 -5.64 18.81
O3B FAD B . 6.98 -5.34 20.09
C2B FAD B . 6.47 -6.47 18.05
O2B FAD B . 5.99 -7.56 18.78
C1B FAD B . 5.45 -5.41 17.69
N9A FAD B . 4.83 -5.75 16.42
C8A FAD B . 5.35 -6.49 15.37
N7A FAD B . 4.43 -6.55 14.37
C5A FAD B . 3.34 -5.84 14.75
C6A FAD B . 2.10 -5.55 14.12
N6A FAD B . 1.77 -6.09 12.94
N1A FAD B . 1.18 -4.77 14.79
C2A FAD B . 1.47 -4.29 16.04
N3A FAD B . 2.67 -4.57 16.66
C4A FAD B . 3.58 -5.33 16.03
N1 FAD B . 12.15 -6.54 7.11
C2 FAD B . 12.35 -7.50 6.15
O2 FAD B . 12.88 -8.54 6.54
N3 FAD B . 11.93 -7.28 4.84
C4 FAD B . 11.32 -6.06 4.51
O4 FAD B . 10.92 -5.84 3.35
C4X FAD B . 11.14 -5.09 5.48
N5 FAD B . 10.55 -3.89 5.19
C5X FAD B . 10.39 -2.92 6.17
C6 FAD B . 9.81 -1.69 5.89
C7 FAD B . 9.63 -0.73 6.90
C7M FAD B . 9.00 0.61 6.60
C8 FAD B . 10.06 -1.00 8.20
C8M FAD B . 9.91 -0.03 9.33
C9 FAD B . 10.63 -2.24 8.44
C9A FAD B . 10.81 -3.21 7.45
N10 FAD B . 11.41 -4.43 7.75
C10 FAD B . 11.56 -5.35 6.76
C1' FAD B . 11.87 -4.86 9.11
C2' FAD B . 10.70 -5.72 9.67
O2' FAD B . 9.46 -5.02 9.56
C3' FAD B . 10.86 -6.18 11.13
O3' FAD B . 10.90 -5.08 12.04
C4' FAD B . 12.12 -7.04 11.29
O4' FAD B . 12.11 -8.09 10.32
C5' FAD B . 12.46 -7.50 12.73
O5' FAD B . 11.41 -8.26 13.26
P FAD B . 10.95 -8.04 14.79
O1P FAD B . 9.91 -9.06 15.15
O2P FAD B . 12.13 -7.97 15.72
O3P FAD B . 10.39 -6.55 14.73
#